data_7RPY
#
_entry.id   7RPY
#
_cell.length_a   100.820
_cell.length_b   100.820
_cell.length_c   87.930
_cell.angle_alpha   90.000
_cell.angle_beta   90.000
_cell.angle_gamma   120.000
#
_symmetry.space_group_name_H-M   'P 32 2 1'
#
loop_
_entity.id
_entity.type
_entity.pdbx_description
1 polymer 'Cohesin-containing protein'
2 branched alpha-D-glucopyranose-(1-4)-alpha-D-glucopyranose-(1-4)-alpha-D-glucopyranose
3 non-polymer 'ACETATE ION'
4 non-polymer GLYCEROL
5 water water
#
_entity_poly.entity_id   1
_entity_poly.type   'polypeptide(L)'
_entity_poly.pdbx_seq_one_letter_code
;HHHHHHENLYFQGAADTTYVVAGTTNLTGYEWVGTPDAAPENV(MSE)TADGSVFTKTFSAVPAGKNYQLKVVANTGDEQ
KWIGLDGTDNNVTFDVETACDVTVTFDPATNKITVTGDGVK(MSE)VTDLEVNSITVVGNGEDNWLNGVAWGVDAEVNH
(MSE)TQVSDKVYQIKYENIESADDAYQFKFAANDDWAASWGLPEQSATPIGEEFDLTFNGQN(MSE)LLNTVSAGFEED
SLVDVTITLDITNFDYSTRSGAKATVKVEPSTP
;
_entity_poly.pdbx_strand_id   A
#
loop_
_chem_comp.id
_chem_comp.type
_chem_comp.name
_chem_comp.formula
ACT non-polymer 'ACETATE ION' 'C2 H3 O2 -1'
GLC D-saccharide, alpha linking alpha-D-glucopyranose 'C6 H12 O6'
GOL non-polymer GLYCEROL 'C3 H8 O3'
#
# COMPACT_ATOMS: atom_id res chain seq x y z
N ALA A 15 -24.22 5.22 -21.21
CA ALA A 15 -22.75 5.42 -21.00
C ALA A 15 -22.05 4.06 -20.90
N ASP A 16 -21.20 3.74 -21.88
CA ASP A 16 -20.53 2.41 -22.05
C ASP A 16 -19.42 2.23 -21.01
N THR A 17 -19.53 1.23 -20.15
CA THR A 17 -18.57 0.96 -19.05
C THR A 17 -17.74 -0.28 -19.39
N THR A 18 -16.42 -0.17 -19.28
CA THR A 18 -15.44 -1.25 -19.47
C THR A 18 -14.76 -1.52 -18.13
N TYR A 19 -14.79 -2.77 -17.68
CA TYR A 19 -14.17 -3.18 -16.39
C TYR A 19 -12.78 -3.77 -16.65
N VAL A 20 -11.78 -3.36 -15.87
CA VAL A 20 -10.38 -3.84 -16.03
C VAL A 20 -9.90 -4.37 -14.68
N VAL A 21 -9.28 -5.55 -14.65
CA VAL A 21 -8.62 -6.03 -13.40
C VAL A 21 -7.26 -5.32 -13.34
N ALA A 22 -7.10 -4.41 -12.39
CA ALA A 22 -5.81 -3.78 -12.04
C ALA A 22 -5.22 -4.55 -10.87
N GLY A 23 -3.90 -4.70 -10.81
CA GLY A 23 -3.29 -5.38 -9.66
C GLY A 23 -1.78 -5.42 -9.77
N THR A 24 -1.16 -6.27 -8.97
CA THR A 24 0.31 -6.44 -8.94
C THR A 24 0.79 -6.99 -10.29
N THR A 25 2.00 -6.61 -10.70
CA THR A 25 2.64 -7.05 -11.96
C THR A 25 2.66 -8.59 -12.02
N ASN A 26 2.98 -9.26 -10.91
CA ASN A 26 3.13 -10.73 -10.87
C ASN A 26 1.80 -11.42 -11.26
N LEU A 27 0.65 -10.83 -10.91
CA LEU A 27 -0.68 -11.38 -11.28
C LEU A 27 -1.04 -10.95 -12.71
N THR A 28 -0.95 -9.65 -13.01
CA THR A 28 -1.68 -9.01 -14.14
C THR A 28 -0.75 -8.65 -15.30
N GLY A 29 0.57 -8.62 -15.08
CA GLY A 29 1.55 -8.24 -16.11
C GLY A 29 1.76 -6.75 -16.21
N TYR A 30 1.04 -5.94 -15.44
CA TYR A 30 1.18 -4.46 -15.37
C TYR A 30 1.18 -4.02 -13.90
N GLU A 31 1.72 -2.85 -13.62
CA GLU A 31 1.75 -2.30 -12.24
C GLU A 31 0.52 -1.41 -12.04
N TRP A 32 -0.57 -2.02 -11.57
CA TRP A 32 -1.80 -1.32 -11.15
C TRP A 32 -2.29 -0.41 -12.29
N VAL A 33 -2.44 -0.99 -13.48
CA VAL A 33 -2.96 -0.28 -14.68
C VAL A 33 -4.44 -0.62 -14.86
N GLY A 34 -5.30 0.39 -14.79
CA GLY A 34 -6.78 0.25 -14.78
C GLY A 34 -7.45 0.70 -16.06
N THR A 35 -6.69 1.18 -17.06
CA THR A 35 -7.21 1.69 -18.36
C THR A 35 -7.27 0.58 -19.40
N PRO A 36 -8.41 0.41 -20.11
CA PRO A 36 -8.53 -0.65 -21.11
C PRO A 36 -7.46 -0.60 -22.22
N ASP A 37 -7.16 0.59 -22.75
CA ASP A 37 -6.20 0.72 -23.88
CA ASP A 37 -6.20 0.77 -23.87
C ASP A 37 -4.79 0.37 -23.42
N ALA A 38 -4.47 0.57 -22.13
CA ALA A 38 -3.13 0.34 -21.55
C ALA A 38 -2.95 -1.12 -21.12
N ALA A 39 -4.02 -1.79 -20.66
CA ALA A 39 -3.99 -3.21 -20.24
C ALA A 39 -5.14 -3.99 -20.88
N PRO A 40 -5.15 -4.14 -22.23
CA PRO A 40 -6.26 -4.77 -22.93
C PRO A 40 -6.47 -6.24 -22.55
N GLU A 41 -5.40 -6.94 -22.17
CA GLU A 41 -5.43 -8.36 -21.74
C GLU A 41 -6.32 -8.51 -20.49
N ASN A 42 -6.48 -7.45 -19.69
CA ASN A 42 -7.11 -7.51 -18.35
C ASN A 42 -8.51 -6.87 -18.37
N VAL A 43 -9.03 -6.52 -19.54
CA VAL A 43 -10.46 -6.19 -19.71
C VAL A 43 -11.27 -7.45 -19.40
N MSE A 44 -12.34 -7.27 -18.61
CA MSE A 44 -13.19 -8.37 -18.20
C MSE A 44 -14.29 -8.57 -19.25
O MSE A 44 -14.80 -7.59 -19.81
CB MSE A 44 -13.80 -8.05 -16.83
CG MSE A 44 -12.79 -7.59 -15.78
SE MSE A 44 -13.65 -7.44 -14.03
CE MSE A 44 -13.71 -9.37 -13.55
N THR A 45 -14.63 -9.83 -19.51
CA THR A 45 -15.58 -10.20 -20.55
C THR A 45 -16.99 -10.32 -19.97
N ALA A 46 -17.99 -9.79 -20.68
CA ALA A 46 -19.42 -9.96 -20.36
C ALA A 46 -19.76 -11.46 -20.24
N ASP A 47 -20.45 -11.83 -19.16
CA ASP A 47 -20.74 -13.24 -18.84
C ASP A 47 -22.07 -13.29 -18.09
N GLY A 48 -23.18 -13.56 -18.78
CA GLY A 48 -24.51 -13.43 -18.17
C GLY A 48 -24.78 -11.94 -17.82
N SER A 49 -25.05 -11.71 -16.47
CA SER A 49 -25.24 -10.37 -15.85
C SER A 49 -23.96 -9.89 -15.13
N VAL A 50 -22.85 -10.64 -15.19
CA VAL A 50 -21.57 -10.28 -14.54
C VAL A 50 -20.44 -10.19 -15.57
N PHE A 51 -19.23 -10.01 -15.09
CA PHE A 51 -17.99 -9.88 -15.90
C PHE A 51 -16.95 -10.83 -15.33
N THR A 52 -16.16 -11.47 -16.19
CA THR A 52 -15.14 -12.45 -15.75
CA THR A 52 -15.15 -12.48 -15.79
C THR A 52 -13.82 -12.22 -16.49
N LYS A 53 -12.71 -12.46 -15.81
CA LYS A 53 -11.36 -12.45 -16.41
C LYS A 53 -10.61 -13.61 -15.78
N THR A 54 -10.05 -14.50 -16.61
CA THR A 54 -9.25 -15.66 -16.12
C THR A 54 -7.79 -15.38 -16.43
N PHE A 55 -6.94 -15.51 -15.40
CA PHE A 55 -5.47 -15.44 -15.51
C PHE A 55 -4.97 -16.89 -15.62
N SER A 56 -4.31 -17.21 -16.73
CA SER A 56 -3.81 -18.56 -17.07
C SER A 56 -2.53 -18.84 -16.28
N ALA A 57 -2.49 -19.99 -15.60
CA ALA A 57 -1.28 -20.56 -14.97
C ALA A 57 -0.59 -19.51 -14.11
N VAL A 58 -1.33 -18.90 -13.18
CA VAL A 58 -0.75 -18.00 -12.14
C VAL A 58 0.20 -18.86 -11.30
N PRO A 59 1.48 -18.47 -11.15
CA PRO A 59 2.40 -19.21 -10.28
C PRO A 59 1.96 -19.23 -8.81
N ALA A 60 2.27 -20.31 -8.09
CA ALA A 60 2.28 -20.34 -6.61
C ALA A 60 2.93 -19.04 -6.13
N GLY A 61 2.33 -18.36 -5.16
CA GLY A 61 2.84 -17.07 -4.68
C GLY A 61 1.98 -16.53 -3.56
N LYS A 62 2.49 -15.51 -2.86
CA LYS A 62 1.79 -14.86 -1.73
C LYS A 62 1.43 -13.42 -2.11
N ASN A 63 0.32 -12.94 -1.57
CA ASN A 63 -0.02 -11.49 -1.56
C ASN A 63 -0.20 -10.98 -2.99
N TYR A 64 -0.78 -11.79 -3.87
CA TYR A 64 -1.36 -11.26 -5.13
C TYR A 64 -2.45 -10.25 -4.72
N GLN A 65 -2.55 -9.14 -5.44
CA GLN A 65 -3.59 -8.12 -5.12
C GLN A 65 -4.22 -7.59 -6.41
N LEU A 66 -5.48 -7.20 -6.31
CA LEU A 66 -6.20 -6.59 -7.44
C LEU A 66 -7.31 -5.66 -6.93
N LYS A 67 -7.78 -4.84 -7.86
CA LYS A 67 -9.07 -4.13 -7.77
C LYS A 67 -9.72 -4.21 -9.15
N VAL A 68 -11.03 -3.97 -9.18
CA VAL A 68 -11.76 -3.83 -10.46
C VAL A 68 -11.92 -2.33 -10.73
N VAL A 69 -11.58 -1.91 -11.94
CA VAL A 69 -11.64 -0.48 -12.35
C VAL A 69 -12.73 -0.35 -13.42
N ALA A 70 -13.77 0.40 -13.08
CA ALA A 70 -14.89 0.74 -13.98
C ALA A 70 -14.47 1.96 -14.79
N ASN A 71 -14.46 1.85 -16.12
CA ASN A 71 -14.01 2.92 -17.04
C ASN A 71 -15.23 3.35 -17.84
N THR A 72 -15.71 4.57 -17.63
CA THR A 72 -16.81 5.21 -18.39
C THR A 72 -16.24 6.51 -18.97
N GLY A 73 -15.90 6.50 -20.26
CA GLY A 73 -15.09 7.55 -20.91
C GLY A 73 -13.76 7.72 -20.20
N ASP A 74 -13.44 8.96 -19.76
CA ASP A 74 -12.19 9.31 -19.04
C ASP A 74 -12.33 9.04 -17.54
N GLU A 75 -13.55 8.72 -17.07
CA GLU A 75 -13.90 8.56 -15.64
C GLU A 75 -13.58 7.12 -15.18
N GLN A 76 -12.86 6.99 -14.07
CA GLN A 76 -12.43 5.68 -13.50
C GLN A 76 -12.98 5.58 -12.08
N LYS A 77 -13.58 4.44 -11.73
CA LYS A 77 -14.01 4.10 -10.36
C LYS A 77 -13.24 2.85 -9.94
N TRP A 78 -12.43 2.93 -8.89
CA TRP A 78 -11.59 1.80 -8.39
C TRP A 78 -12.38 1.08 -7.30
N ILE A 79 -12.63 -0.20 -7.48
CA ILE A 79 -13.52 -0.99 -6.60
C ILE A 79 -12.66 -2.03 -5.88
N GLY A 80 -12.71 -2.02 -4.56
CA GLY A 80 -11.99 -2.95 -3.68
C GLY A 80 -12.90 -4.01 -3.07
N LEU A 81 -12.44 -4.66 -2.00
CA LEU A 81 -13.01 -5.93 -1.49
C LEU A 81 -14.34 -5.69 -0.75
N ASP A 82 -15.36 -6.49 -1.06
CA ASP A 82 -16.60 -6.68 -0.26
C ASP A 82 -17.14 -5.33 0.23
N GLY A 83 -17.22 -4.35 -0.67
CA GLY A 83 -17.85 -3.03 -0.40
C GLY A 83 -16.91 -2.05 0.31
N THR A 84 -15.62 -2.37 0.44
CA THR A 84 -14.57 -1.51 1.06
C THR A 84 -13.67 -0.93 -0.03
N ASP A 85 -12.65 -0.16 0.37
CA ASP A 85 -11.57 0.35 -0.54
CA ASP A 85 -11.55 0.37 -0.51
C ASP A 85 -10.27 -0.47 -0.34
N ASN A 86 -10.37 -1.64 0.29
CA ASN A 86 -9.17 -2.51 0.49
C ASN A 86 -8.87 -3.20 -0.84
N ASN A 87 -7.59 -3.43 -1.17
CA ASN A 87 -7.21 -4.37 -2.26
C ASN A 87 -7.77 -5.75 -1.94
N VAL A 88 -8.17 -6.50 -2.97
CA VAL A 88 -8.49 -7.95 -2.87
C VAL A 88 -7.15 -8.68 -2.81
N THR A 89 -6.89 -9.42 -1.75
CA THR A 89 -5.57 -10.03 -1.47
C THR A 89 -5.75 -11.54 -1.33
N PHE A 90 -4.94 -12.31 -2.06
CA PHE A 90 -5.01 -13.79 -2.00
C PHE A 90 -3.63 -14.38 -2.28
N ASP A 91 -3.46 -15.62 -1.80
CA ASP A 91 -2.32 -16.49 -2.15
C ASP A 91 -2.79 -17.52 -3.18
N VAL A 92 -1.85 -17.99 -4.01
CA VAL A 92 -2.01 -19.17 -4.88
C VAL A 92 -1.03 -20.24 -4.38
N GLU A 93 -1.57 -21.40 -3.98
CA GLU A 93 -0.80 -22.51 -3.34
C GLU A 93 -0.07 -23.31 -4.43
N THR A 94 -0.74 -23.55 -5.56
CA THR A 94 -0.21 -24.31 -6.73
C THR A 94 -0.58 -23.58 -8.01
N ALA A 95 0.31 -23.55 -9.00
CA ALA A 95 0.09 -22.90 -10.32
C ALA A 95 -1.29 -23.32 -10.82
N CYS A 96 -2.21 -22.37 -11.02
CA CYS A 96 -3.59 -22.66 -11.48
C CYS A 96 -4.17 -21.42 -12.18
N ASP A 97 -5.23 -21.65 -12.94
CA ASP A 97 -6.04 -20.58 -13.58
C ASP A 97 -6.83 -19.88 -12.48
N VAL A 98 -6.67 -18.58 -12.36
CA VAL A 98 -7.41 -17.77 -11.35
C VAL A 98 -8.49 -17.00 -12.11
N THR A 99 -9.75 -17.16 -11.72
CA THR A 99 -10.88 -16.43 -12.32
C THR A 99 -11.33 -15.31 -11.38
N VAL A 100 -11.42 -14.11 -11.93
CA VAL A 100 -11.97 -12.92 -11.21
C VAL A 100 -13.37 -12.66 -11.77
N THR A 101 -14.37 -12.62 -10.91
CA THR A 101 -15.78 -12.30 -11.26
C THR A 101 -16.13 -10.95 -10.64
N PHE A 102 -16.81 -10.10 -11.40
CA PHE A 102 -17.30 -8.80 -10.89
C PHE A 102 -18.80 -8.65 -11.25
N ASP A 103 -19.60 -8.25 -10.26
CA ASP A 103 -21.06 -8.06 -10.44
C ASP A 103 -21.38 -6.59 -10.22
N PRO A 104 -21.69 -5.83 -11.29
CA PRO A 104 -22.06 -4.41 -11.18
C PRO A 104 -23.27 -4.14 -10.27
N ALA A 105 -24.16 -5.12 -10.09
CA ALA A 105 -25.40 -4.96 -9.30
C ALA A 105 -25.08 -4.91 -7.80
N THR A 106 -23.94 -5.45 -7.38
CA THR A 106 -23.57 -5.63 -5.94
C THR A 106 -22.16 -5.12 -5.65
N ASN A 107 -21.35 -4.89 -6.68
CA ASN A 107 -19.88 -4.61 -6.56
C ASN A 107 -19.14 -5.77 -5.89
N LYS A 108 -19.72 -6.98 -5.88
CA LYS A 108 -19.03 -8.19 -5.37
C LYS A 108 -17.90 -8.55 -6.34
N ILE A 109 -16.69 -8.70 -5.81
CA ILE A 109 -15.53 -9.28 -6.53
C ILE A 109 -15.28 -10.66 -5.94
N THR A 110 -15.21 -11.69 -6.77
CA THR A 110 -14.90 -13.09 -6.36
CA THR A 110 -14.83 -13.04 -6.28
C THR A 110 -13.61 -13.50 -7.06
N VAL A 111 -12.73 -14.22 -6.35
CA VAL A 111 -11.48 -14.77 -6.93
C VAL A 111 -11.56 -16.28 -6.67
N THR A 112 -11.59 -17.09 -7.71
CA THR A 112 -11.81 -18.56 -7.60
C THR A 112 -10.70 -19.31 -8.36
N GLY A 113 -10.43 -20.53 -7.90
CA GLY A 113 -9.40 -21.40 -8.50
C GLY A 113 -8.92 -22.39 -7.46
N ASP A 114 -8.54 -23.59 -7.89
CA ASP A 114 -8.21 -24.73 -6.99
C ASP A 114 -7.16 -24.28 -5.97
N GLY A 115 -6.14 -23.53 -6.41
CA GLY A 115 -5.01 -23.12 -5.56
C GLY A 115 -5.25 -21.83 -4.80
N VAL A 116 -6.42 -21.18 -4.94
CA VAL A 116 -6.65 -19.81 -4.37
C VAL A 116 -7.00 -19.90 -2.89
N LYS A 117 -6.33 -19.11 -2.06
CA LYS A 117 -6.70 -18.89 -0.63
C LYS A 117 -6.68 -17.40 -0.35
N MSE A 118 -7.84 -16.88 0.08
CA MSE A 118 -7.98 -15.47 0.38
C MSE A 118 -7.15 -15.16 1.63
O MSE A 118 -7.07 -15.97 2.55
CB MSE A 118 -9.46 -15.11 0.61
CG MSE A 118 -10.40 -15.57 -0.51
SE MSE A 118 -9.90 -14.79 -2.26
CE MSE A 118 -9.93 -12.88 -1.90
N VAL A 119 -6.50 -13.99 1.63
CA VAL A 119 -5.79 -13.52 2.82
C VAL A 119 -6.82 -12.84 3.72
N THR A 120 -6.88 -13.24 4.98
CA THR A 120 -7.90 -12.77 5.97
C THR A 120 -7.24 -12.28 7.26
N ASP A 121 -5.91 -12.28 7.33
CA ASP A 121 -5.17 -11.78 8.52
CA ASP A 121 -5.15 -11.83 8.53
C ASP A 121 -3.77 -11.35 8.10
N LEU A 122 -3.06 -10.68 9.01
CA LEU A 122 -1.70 -10.16 8.78
C LEU A 122 -0.87 -10.45 10.02
N GLU A 123 0.25 -11.14 9.86
CA GLU A 123 1.30 -11.23 10.90
C GLU A 123 2.47 -10.36 10.43
N VAL A 124 2.82 -9.34 11.20
CA VAL A 124 3.94 -8.42 10.83
C VAL A 124 5.25 -9.02 11.35
N ASN A 125 6.16 -9.33 10.42
CA ASN A 125 7.53 -9.86 10.69
C ASN A 125 8.57 -8.77 10.50
N SER A 126 8.27 -7.73 9.73
CA SER A 126 9.18 -6.58 9.49
C SER A 126 8.37 -5.37 9.06
N ILE A 127 8.92 -4.19 9.32
CA ILE A 127 8.42 -2.92 8.73
C ILE A 127 9.59 -2.23 8.05
N THR A 128 9.41 -1.85 6.79
CA THR A 128 10.37 -1.02 6.04
C THR A 128 9.83 0.41 5.97
N VAL A 129 10.67 1.40 6.25
CA VAL A 129 10.36 2.80 5.85
C VAL A 129 10.80 2.92 4.40
N VAL A 130 9.86 3.30 3.55
CA VAL A 130 10.05 3.32 2.07
C VAL A 130 9.76 4.73 1.57
N GLY A 131 10.60 5.26 0.71
CA GLY A 131 10.41 6.65 0.28
C GLY A 131 11.47 7.10 -0.69
N ASN A 132 11.56 8.41 -0.92
CA ASN A 132 12.43 8.97 -1.97
C ASN A 132 13.82 9.22 -1.37
N GLY A 133 14.50 8.13 -1.00
CA GLY A 133 15.78 8.22 -0.27
C GLY A 133 16.84 8.96 -1.07
N GLU A 134 17.65 9.73 -0.37
CA GLU A 134 18.81 10.48 -0.91
C GLU A 134 19.77 10.77 0.24
N ASP A 135 21.03 10.38 0.10
CA ASP A 135 22.07 10.57 1.14
C ASP A 135 21.55 10.04 2.47
N ASN A 136 21.52 10.84 3.54
CA ASN A 136 21.13 10.35 4.90
C ASN A 136 19.63 10.04 4.94
N TRP A 137 18.82 10.65 4.07
CA TRP A 137 17.35 10.47 4.05
C TRP A 137 17.06 9.05 3.53
N LEU A 138 16.53 8.19 4.39
CA LEU A 138 16.23 6.76 4.12
C LEU A 138 17.50 6.07 3.59
N ASN A 139 18.68 6.51 4.04
CA ASN A 139 19.94 5.81 3.72
C ASN A 139 20.14 5.73 2.19
N GLY A 140 19.57 6.65 1.43
CA GLY A 140 19.83 6.76 -0.02
C GLY A 140 19.04 5.78 -0.85
N VAL A 141 18.05 5.10 -0.28
CA VAL A 141 17.26 4.05 -0.98
C VAL A 141 16.02 4.69 -1.63
N ALA A 142 15.91 4.60 -2.96
CA ALA A 142 14.75 5.14 -3.71
C ALA A 142 13.66 4.06 -3.82
N TRP A 143 12.60 4.20 -3.05
CA TRP A 143 11.38 3.34 -3.03
C TRP A 143 11.81 1.87 -3.03
N GLY A 144 12.64 1.48 -2.06
CA GLY A 144 13.06 0.09 -1.86
C GLY A 144 12.25 -0.56 -0.77
N VAL A 145 11.19 -1.26 -1.12
CA VAL A 145 10.18 -1.77 -0.16
C VAL A 145 10.83 -2.82 0.76
N ASP A 146 11.91 -3.46 0.31
CA ASP A 146 12.55 -4.59 1.06
C ASP A 146 14.01 -4.26 1.44
N ALA A 147 14.37 -2.98 1.49
CA ALA A 147 15.73 -2.53 1.85
C ALA A 147 15.98 -2.76 3.35
N GLU A 148 16.88 -3.68 3.66
CA GLU A 148 17.21 -4.09 5.05
CA GLU A 148 17.19 -4.11 5.05
C GLU A 148 17.58 -2.88 5.89
N VAL A 149 18.36 -1.96 5.33
CA VAL A 149 18.89 -0.79 6.09
C VAL A 149 17.70 0.07 6.57
N ASN A 150 16.52 -0.05 5.95
CA ASN A 150 15.35 0.74 6.39
C ASN A 150 14.32 -0.14 7.12
N HIS A 151 14.71 -1.34 7.55
CA HIS A 151 13.92 -2.14 8.51
C HIS A 151 13.93 -1.44 9.86
N MSE A 152 12.74 -1.20 10.38
CA MSE A 152 12.61 -0.58 11.70
C MSE A 152 12.92 -1.63 12.75
O MSE A 152 12.66 -2.82 12.56
CB MSE A 152 11.19 -0.04 11.87
CG MSE A 152 10.74 0.87 10.76
SE MSE A 152 8.95 1.64 11.15
CE MSE A 152 9.34 3.05 12.41
N THR A 153 13.49 -1.17 13.86
CA THR A 153 13.75 -2.03 15.01
C THR A 153 12.46 -2.25 15.79
N GLN A 154 12.12 -3.49 16.12
CA GLN A 154 11.01 -3.77 17.06
C GLN A 154 11.52 -3.52 18.48
N VAL A 155 11.09 -2.42 19.10
CA VAL A 155 11.60 -1.98 20.44
C VAL A 155 10.69 -2.53 21.56
N SER A 156 9.48 -2.98 21.21
CA SER A 156 8.61 -3.80 22.09
C SER A 156 7.56 -4.46 21.21
N ASP A 157 6.69 -5.29 21.81
CA ASP A 157 5.65 -6.01 21.03
C ASP A 157 4.86 -4.98 20.22
N LYS A 158 4.92 -5.09 18.90
CA LYS A 158 4.11 -4.30 17.95
C LYS A 158 4.47 -2.80 17.98
N VAL A 159 5.66 -2.44 18.46
CA VAL A 159 6.18 -1.03 18.35
C VAL A 159 7.54 -1.06 17.67
N TYR A 160 7.70 -0.24 16.64
CA TYR A 160 8.89 -0.19 15.76
C TYR A 160 9.45 1.23 15.79
N GLN A 161 10.77 1.35 15.69
CA GLN A 161 11.45 2.67 15.66
C GLN A 161 12.61 2.64 14.68
N ILE A 162 12.87 3.78 14.04
CA ILE A 162 14.09 3.98 13.22
C ILE A 162 14.49 5.44 13.33
N LYS A 163 15.78 5.72 13.17
CA LYS A 163 16.32 7.09 13.25
C LYS A 163 17.09 7.43 11.98
N TYR A 164 16.91 8.66 11.52
CA TYR A 164 17.68 9.28 10.40
C TYR A 164 18.32 10.56 10.93
N GLU A 165 19.64 10.59 11.02
CA GLU A 165 20.38 11.75 11.58
C GLU A 165 20.88 12.65 10.45
N ASN A 166 21.06 13.93 10.77
CA ASN A 166 21.79 14.91 9.93
C ASN A 166 21.07 15.08 8.60
N ILE A 167 19.76 15.28 8.67
CA ILE A 167 18.89 15.56 7.51
C ILE A 167 18.84 17.08 7.30
N GLU A 168 19.06 17.55 6.08
CA GLU A 168 18.94 18.99 5.74
C GLU A 168 17.45 19.37 5.78
N SER A 169 17.11 20.32 6.65
CA SER A 169 15.69 20.76 6.77
C SER A 169 15.20 21.27 5.43
N ALA A 170 14.07 20.75 4.96
CA ALA A 170 13.46 21.12 3.67
C ALA A 170 11.95 20.82 3.72
N ASP A 171 11.20 21.56 2.92
CA ASP A 171 9.80 21.23 2.57
C ASP A 171 9.75 20.70 1.13
N ASP A 172 8.73 19.88 0.87
CA ASP A 172 8.37 19.22 -0.41
C ASP A 172 9.58 18.50 -1.00
N ALA A 173 10.40 17.90 -0.14
CA ALA A 173 11.60 17.10 -0.54
C ALA A 173 11.47 15.65 -0.08
N TYR A 174 10.81 15.39 1.05
CA TYR A 174 10.87 14.08 1.75
C TYR A 174 9.49 13.44 1.78
N GLN A 175 9.39 12.25 1.20
CA GLN A 175 8.13 11.46 1.15
C GLN A 175 8.42 10.05 1.67
N PHE A 176 7.49 9.44 2.40
CA PHE A 176 7.69 8.07 2.89
C PHE A 176 6.36 7.41 3.22
N LYS A 177 6.42 6.08 3.30
CA LYS A 177 5.34 5.21 3.83
C LYS A 177 5.97 4.10 4.68
N PHE A 178 5.12 3.36 5.37
CA PHE A 178 5.49 2.10 6.06
C PHE A 178 5.01 0.92 5.22
N ALA A 179 5.83 -0.11 5.07
CA ALA A 179 5.48 -1.37 4.35
C ALA A 179 5.80 -2.56 5.25
N ALA A 180 4.84 -3.47 5.42
CA ALA A 180 5.03 -4.68 6.22
C ALA A 180 5.62 -5.80 5.34
N ASN A 181 6.51 -6.61 5.91
CA ASN A 181 6.89 -7.92 5.35
C ASN A 181 7.52 -7.77 3.95
N ASP A 182 8.26 -6.68 3.71
CA ASP A 182 9.11 -6.48 2.52
C ASP A 182 8.29 -6.50 1.22
N ASP A 183 7.01 -6.13 1.28
CA ASP A 183 6.22 -5.92 0.04
C ASP A 183 5.11 -4.92 0.32
N TRP A 184 4.36 -4.56 -0.73
CA TRP A 184 3.36 -3.47 -0.66
C TRP A 184 1.96 -3.97 -0.26
N ALA A 185 1.76 -5.25 -0.03
CA ALA A 185 0.40 -5.80 0.27
C ALA A 185 -0.19 -5.10 1.50
N ALA A 186 0.62 -4.93 2.56
CA ALA A 186 0.20 -4.24 3.79
C ALA A 186 1.09 -3.00 3.95
N SER A 187 0.50 -1.81 3.87
CA SER A 187 1.27 -0.53 3.94
C SER A 187 0.42 0.50 4.65
N TRP A 188 1.07 1.55 5.14
CA TRP A 188 0.38 2.66 5.82
C TRP A 188 0.89 4.00 5.30
N GLY A 189 -0.03 4.96 5.23
CA GLY A 189 0.27 6.36 4.95
C GLY A 189 -0.87 7.23 5.45
N LEU A 190 -1.23 8.24 4.67
CA LEU A 190 -2.30 9.19 5.07
C LEU A 190 -3.40 9.16 4.01
N PRO A 191 -4.60 9.67 4.33
CA PRO A 191 -5.72 9.61 3.39
C PRO A 191 -5.43 10.34 2.07
N GLU A 192 -4.82 11.53 2.15
CA GLU A 192 -4.29 12.24 0.96
C GLU A 192 -2.81 12.52 1.20
N GLN A 193 -2.03 12.55 0.12
CA GLN A 193 -0.58 12.90 0.19
C GLN A 193 -0.46 14.29 0.81
N SER A 194 0.11 14.38 2.00
CA SER A 194 0.12 15.62 2.80
C SER A 194 1.14 15.51 3.93
N ALA A 195 1.42 16.64 4.57
CA ALA A 195 2.45 16.78 5.63
C ALA A 195 2.06 15.89 6.82
N THR A 196 3.01 15.10 7.30
CA THR A 196 2.85 14.33 8.56
CA THR A 196 2.84 14.34 8.57
C THR A 196 2.78 15.31 9.74
N PRO A 197 1.87 15.08 10.70
CA PRO A 197 1.96 15.73 12.00
C PRO A 197 3.37 15.44 12.57
N ILE A 198 3.95 16.43 13.22
CA ILE A 198 5.30 16.35 13.84
C ILE A 198 5.16 16.49 15.36
N GLY A 199 5.81 15.59 16.10
CA GLY A 199 5.89 15.64 17.57
C GLY A 199 4.58 15.25 18.23
N GLU A 200 3.71 14.55 17.51
CA GLU A 200 2.41 14.10 18.06
C GLU A 200 1.96 12.81 17.37
N GLU A 201 1.43 11.88 18.14
CA GLU A 201 0.89 10.61 17.62
C GLU A 201 -0.28 10.91 16.67
N PHE A 202 -0.34 10.20 15.55
CA PHE A 202 -1.44 10.35 14.56
C PHE A 202 -1.84 8.98 14.03
N ASP A 203 -3.09 8.86 13.58
CA ASP A 203 -3.67 7.63 13.02
C ASP A 203 -3.18 7.44 11.58
N LEU A 204 -2.89 6.20 11.20
CA LEU A 204 -2.43 5.84 9.84
C LEU A 204 -3.57 5.20 9.04
N THR A 205 -3.54 5.45 7.74
CA THR A 205 -4.45 4.87 6.74
C THR A 205 -3.76 3.69 6.06
N PHE A 206 -4.35 2.51 6.19
CA PHE A 206 -3.90 1.29 5.47
C PHE A 206 -4.01 1.55 3.96
N ASN A 207 -3.00 1.16 3.18
CA ASN A 207 -2.94 1.40 1.72
C ASN A 207 -3.02 2.91 1.42
N GLY A 208 -2.54 3.75 2.34
CA GLY A 208 -2.67 5.21 2.22
C GLY A 208 -1.66 5.83 1.25
N GLN A 209 -1.76 7.15 1.12
CA GLN A 209 -0.91 7.98 0.25
C GLN A 209 0.39 8.30 0.99
N ASN A 210 1.38 8.75 0.24
CA ASN A 210 2.69 9.15 0.79
C ASN A 210 2.53 10.24 1.84
N MSE A 211 3.36 10.13 2.87
CA MSE A 211 3.48 11.14 3.91
C MSE A 211 4.62 12.09 3.53
O MSE A 211 5.67 11.63 3.08
CB MSE A 211 3.74 10.43 5.24
CG MSE A 211 2.53 9.67 5.74
SE MSE A 211 2.87 8.65 7.35
CE MSE A 211 3.89 7.17 6.57
N LEU A 212 4.39 13.39 3.68
CA LEU A 212 5.41 14.39 3.42
C LEU A 212 6.04 14.79 4.76
N LEU A 213 7.36 14.84 4.82
CA LEU A 213 8.10 15.31 6.01
C LEU A 213 8.57 16.72 5.73
N ASN A 214 7.77 17.71 6.12
CA ASN A 214 7.98 19.13 5.75
C ASN A 214 8.56 19.83 6.98
N THR A 215 9.87 19.76 7.15
CA THR A 215 10.54 20.19 8.40
C THR A 215 10.63 21.73 8.46
N VAL A 216 10.64 22.45 7.33
CA VAL A 216 10.64 23.95 7.36
C VAL A 216 9.29 24.40 7.92
N SER A 217 8.19 23.82 7.45
CA SER A 217 6.82 24.12 7.95
C SER A 217 6.69 23.70 9.42
N ALA A 218 7.52 22.76 9.89
CA ALA A 218 7.57 22.32 11.30
C ALA A 218 8.47 23.20 12.16
N GLY A 219 9.08 24.26 11.62
CA GLY A 219 9.80 25.29 12.40
C GLY A 219 11.31 25.09 12.46
N PHE A 220 11.87 24.25 11.59
CA PHE A 220 13.33 24.02 11.48
C PHE A 220 13.84 24.76 10.25
N GLU A 221 14.66 25.78 10.49
CA GLU A 221 15.20 26.67 9.44
C GLU A 221 15.74 25.83 8.27
N GLU A 222 15.39 26.20 7.04
CA GLU A 222 15.87 25.50 5.82
C GLU A 222 17.39 25.29 5.89
N ASP A 223 17.83 24.08 5.53
CA ASP A 223 19.26 23.65 5.43
C ASP A 223 19.86 23.38 6.81
N SER A 224 19.23 23.79 7.92
CA SER A 224 19.68 23.38 9.28
C SER A 224 19.61 21.85 9.37
N LEU A 225 20.52 21.22 10.11
CA LEU A 225 20.54 19.74 10.22
C LEU A 225 19.55 19.32 11.32
N VAL A 226 18.70 18.35 11.03
CA VAL A 226 17.74 17.78 12.01
C VAL A 226 17.92 16.26 12.10
N ASP A 227 17.56 15.71 13.24
CA ASP A 227 17.52 14.25 13.47
C ASP A 227 16.04 13.86 13.53
N VAL A 228 15.69 12.82 12.79
CA VAL A 228 14.28 12.36 12.66
C VAL A 228 14.15 11.01 13.33
N THR A 229 13.21 10.86 14.25
CA THR A 229 12.94 9.56 14.91
C THR A 229 11.51 9.18 14.56
N ILE A 230 11.33 8.04 13.90
CA ILE A 230 9.98 7.58 13.47
C ILE A 230 9.61 6.36 14.30
N THR A 231 8.43 6.41 14.91
CA THR A 231 7.89 5.31 15.74
C THR A 231 6.55 4.88 15.12
N LEU A 232 6.39 3.58 14.90
CA LEU A 232 5.13 2.96 14.43
C LEU A 232 4.59 2.03 15.52
N ASP A 233 3.34 2.25 15.90
CA ASP A 233 2.65 1.49 16.97
C ASP A 233 1.47 0.78 16.32
N ILE A 234 1.54 -0.55 16.22
CA ILE A 234 0.44 -1.37 15.65
C ILE A 234 -0.18 -2.24 16.75
N THR A 235 0.00 -1.88 18.03
CA THR A 235 -0.58 -2.61 19.18
C THR A 235 -2.11 -2.69 19.04
N ASN A 236 -2.75 -1.66 18.49
CA ASN A 236 -4.22 -1.59 18.37
C ASN A 236 -4.65 -1.67 16.90
N PHE A 237 -3.75 -2.10 16.01
CA PHE A 237 -4.11 -2.38 14.59
C PHE A 237 -4.96 -3.65 14.52
N ASP A 238 -6.12 -3.51 13.89
CA ASP A 238 -7.11 -4.60 13.67
CA ASP A 238 -7.09 -4.62 13.67
C ASP A 238 -7.22 -4.84 12.16
N TYR A 239 -6.76 -5.99 11.68
CA TYR A 239 -6.71 -6.28 10.23
C TYR A 239 -8.12 -6.22 9.62
N SER A 240 -9.14 -6.73 10.33
CA SER A 240 -10.53 -6.81 9.79
CA SER A 240 -10.54 -6.81 9.82
C SER A 240 -11.05 -5.41 9.42
N THR A 241 -10.75 -4.40 10.24
CA THR A 241 -11.17 -2.99 10.00
C THR A 241 -10.07 -2.20 9.29
N ARG A 242 -8.83 -2.71 9.27
CA ARG A 242 -7.62 -2.01 8.76
C ARG A 242 -7.37 -0.73 9.56
N SER A 243 -7.92 -0.62 10.77
CA SER A 243 -7.85 0.62 11.59
CA SER A 243 -7.83 0.63 11.59
C SER A 243 -6.98 0.38 12.83
N GLY A 244 -6.37 1.44 13.37
CA GLY A 244 -5.71 1.41 14.69
C GLY A 244 -4.21 1.56 14.68
N ALA A 245 -3.53 1.48 13.53
CA ALA A 245 -2.08 1.76 13.44
C ALA A 245 -1.85 3.25 13.67
N LYS A 246 -0.81 3.60 14.40
CA LYS A 246 -0.49 5.01 14.75
C LYS A 246 1.00 5.21 14.58
N ALA A 247 1.43 6.45 14.39
CA ALA A 247 2.86 6.79 14.27
C ALA A 247 3.13 8.08 15.01
N THR A 248 4.40 8.29 15.32
CA THR A 248 4.93 9.57 15.82
C THR A 248 6.21 9.86 15.03
N VAL A 249 6.32 11.08 14.53
CA VAL A 249 7.52 11.57 13.81
C VAL A 249 8.12 12.69 14.65
N LYS A 250 9.23 12.39 15.33
CA LYS A 250 9.95 13.37 16.17
C LYS A 250 11.07 14.01 15.34
N VAL A 251 11.15 15.33 15.36
CA VAL A 251 12.22 16.11 14.67
C VAL A 251 12.87 17.03 15.70
N GLU A 252 14.19 16.96 15.79
CA GLU A 252 15.03 17.72 16.75
CA GLU A 252 14.98 17.80 16.73
C GLU A 252 16.22 18.32 16.00
N PRO A 253 16.76 19.48 16.42
CA PRO A 253 18.02 19.95 15.87
C PRO A 253 19.10 18.88 16.09
N SER A 254 19.97 18.68 15.10
CA SER A 254 20.98 17.59 15.10
C SER A 254 21.98 17.77 16.25
N THR A 255 22.30 16.67 16.93
CA THR A 255 23.35 16.51 17.96
C THR A 255 24.67 16.18 17.27
C1 GLC B . -3.99 1.03 -6.25
C2 GLC B . -3.73 0.03 -5.11
C3 GLC B . -2.50 0.42 -4.27
C4 GLC B . -1.30 0.69 -5.18
C5 GLC B . -1.69 1.68 -6.29
C6 GLC B . -0.55 1.91 -7.27
O1 GLC B . -4.42 2.29 -5.74
O2 GLC B . -4.91 -0.04 -4.29
O3 GLC B . -2.24 -0.64 -3.33
O4 GLC B . -0.21 1.29 -4.45
O5 GLC B . -2.82 1.21 -7.03
O6 GLC B . -0.91 2.98 -8.16
C1 GLC B . 0.65 0.33 -3.81
C2 GLC B . 1.21 1.00 -2.57
C3 GLC B . 1.96 2.26 -2.99
C4 GLC B . 3.09 1.87 -3.92
C5 GLC B . 2.56 1.02 -5.10
C6 GLC B . 3.73 0.43 -5.89
O2 GLC B . 0.15 1.32 -1.67
O3 GLC B . 2.45 2.97 -1.85
O4 GLC B . 3.69 3.04 -4.49
O5 GLC B . 1.72 -0.05 -4.64
O6 GLC B . 3.26 -0.01 -7.16
C1 GLC B . 4.87 3.56 -3.82
C2 GLC B . 4.73 5.06 -3.60
C3 GLC B . 4.73 5.84 -4.91
C4 GLC B . 5.96 5.46 -5.70
C5 GLC B . 6.10 3.95 -5.85
C6 GLC B . 7.42 3.59 -6.55
O2 GLC B . 3.55 5.34 -2.84
O3 GLC B . 4.73 7.26 -4.70
O4 GLC B . 5.91 6.08 -6.98
O5 GLC B . 6.05 3.32 -4.57
O6 GLC B . 7.49 2.16 -6.70
C ACT C . -4.28 3.97 -15.21
O ACT C . -4.44 3.08 -14.37
OXT ACT C . -4.61 5.16 -15.02
CH3 ACT C . -3.66 3.60 -16.56
C ACT D . -10.84 -9.11 4.96
O ACT D . -10.18 -8.67 4.01
OXT ACT D . -10.75 -8.68 6.13
CH3 ACT D . -11.82 -10.25 4.68
C1 GOL E . 20.07 15.55 1.79
O1 GOL E . 18.94 14.83 1.28
C2 GOL E . 20.20 15.40 3.29
O2 GOL E . 18.96 15.66 3.91
C3 GOL E . 20.66 14.02 3.73
O3 GOL E . 22.08 13.95 3.90
C ACT F . -18.03 4.68 -13.35
O ACT F . -16.93 4.76 -13.94
OXT ACT F . -18.45 5.54 -12.54
CH3 ACT F . -18.92 3.46 -13.64
C ACT G . 1.35 12.74 21.63
O ACT G . 1.77 11.59 21.83
OXT ACT G . 0.39 13.01 20.90
CH3 ACT G . 2.06 13.90 22.35
C1 GOL H . -22.51 -16.27 -15.31
O1 GOL H . -23.92 -16.37 -15.45
C2 GOL H . -22.05 -16.60 -13.91
O2 GOL H . -22.39 -17.95 -13.59
C3 GOL H . -20.57 -16.38 -13.71
O3 GOL H . -20.23 -16.39 -12.33
C ACT I . -3.37 -13.91 -19.36
O ACT I . -3.67 -15.02 -18.88
OXT ACT I . -4.05 -12.87 -19.20
CH3 ACT I . -2.12 -13.81 -20.23
C ACT J . 15.50 5.55 22.61
O ACT J . 14.71 4.82 22.00
OXT ACT J . 15.33 5.92 23.78
CH3 ACT J . 16.76 5.99 21.88
C ACT K . 11.84 12.67 -6.05
O ACT K . 12.70 11.84 -6.40
OXT ACT K . 10.89 12.42 -5.29
CH3 ACT K . 11.98 14.10 -6.60
#